data_6XPA
#
_entry.id   6XPA
#
_cell.length_a   61.820
_cell.length_b   61.820
_cell.length_c   167.483
_cell.angle_alpha   90.000
_cell.angle_beta   90.000
_cell.angle_gamma   90.000
#
_symmetry.space_group_name_H-M   'P 43 21 2'
#
loop_
_entity.id
_entity.type
_entity.pdbx_description
1 polymer 'ScoE protein'
2 non-polymer '(3~{R})-3-(2-hydroxy-2-oxoethylamino)butanoic acid'
3 non-polymer oxovanadium(2+)
4 non-polymer 'ACETATE ION'
5 non-polymer 'CHLORIDE ION'
6 water water
#
_entity_poly.entity_id   1
_entity_poly.type   'polypeptide(L)'
_entity_poly.pdbx_seq_one_letter_code
;MKETAAAKFERQHMDSPDLGTGGGSGIEGRMQIDEQPGNAIGAAVEGFDHATASDADIDALKSTIYTKKIAVLKGQDLSP
QQFLALGKRLGRPEAYYEPMYQHPEVTEIFVSSNVPENGKQIGVPKTGKFWHADYQFMPDPFGITLIYPQVIPEKNRGTY
FIDMGRAYDRLPEDLKKEISGTYCRHSVRKYFKIRPHDVYRPISEIIEEVERKTPAVVQPTTFTHPMTGETVLYISEGFT
VGIEDQDGKPLDEELLKRLFDATGQLDESFEHDNIHLQSFEQGDLLVWDNRSLIHRARHTTTPEPTVSYRVTVHDERKLH
DGIQAA
;
_entity_poly.pdbx_strand_id   A
#
loop_
_chem_comp.id
_chem_comp.type
_chem_comp.name
_chem_comp.formula
7UC non-polymer '(3~{R})-3-(2-hydroxy-2-oxoethylamino)butanoic acid' 'C6 H11 N O4'
ACT non-polymer 'ACETATE ION' 'C2 H3 O2 -1'
CL non-polymer 'CHLORIDE ION' 'Cl -1'
VVO non-polymer oxovanadium(2+) 'O V 2'
#
# COMPACT_ATOMS: atom_id res chain seq x y z
N GLU A 28 9.51 -2.98 27.01
CA GLU A 28 10.26 -3.88 27.85
C GLU A 28 11.13 -4.81 27.01
N GLY A 29 11.22 -6.08 27.41
CA GLY A 29 12.13 -7.00 26.73
C GLY A 29 11.62 -8.42 26.53
N ARG A 30 10.54 -8.57 25.75
CA ARG A 30 10.13 -9.88 25.24
C ARG A 30 9.45 -9.79 23.87
N MET A 31 9.50 -8.64 23.18
CA MET A 31 9.20 -8.64 21.75
C MET A 31 10.28 -9.44 21.03
N GLN A 32 9.85 -10.40 20.21
CA GLN A 32 10.76 -11.24 19.45
C GLN A 32 10.40 -11.15 17.98
N ILE A 33 11.39 -10.87 17.13
CA ILE A 33 11.20 -10.77 15.70
C ILE A 33 11.83 -11.99 15.04
N ASP A 34 11.03 -12.71 14.26
CA ASP A 34 11.48 -13.90 13.54
C ASP A 34 11.42 -13.60 12.04
N GLU A 35 12.56 -13.25 11.46
CA GLU A 35 12.61 -12.87 10.06
C GLU A 35 12.67 -14.11 9.17
N GLN A 36 11.99 -14.03 8.03
CA GLN A 36 12.06 -15.11 7.05
C GLN A 36 13.50 -15.29 6.58
N PRO A 37 13.89 -16.50 6.23
CA PRO A 37 15.31 -16.76 5.93
C PRO A 37 15.75 -16.11 4.62
N GLY A 38 16.95 -15.54 4.64
CA GLY A 38 17.58 -15.09 3.41
C GLY A 38 16.90 -13.87 2.84
N ASN A 39 16.63 -13.91 1.54
CA ASN A 39 15.97 -12.84 0.83
C ASN A 39 14.45 -13.03 0.74
N ALA A 40 13.91 -14.03 1.43
CA ALA A 40 12.48 -14.25 1.43
C ALA A 40 11.76 -13.12 2.17
N ILE A 41 10.64 -12.68 1.61
CA ILE A 41 9.91 -11.56 2.18
C ILE A 41 9.21 -11.99 3.46
N GLY A 42 9.12 -11.07 4.42
CA GLY A 42 8.22 -11.24 5.55
C GLY A 42 8.97 -11.50 6.84
N ALA A 43 8.26 -11.22 7.94
CA ALA A 43 8.73 -11.52 9.29
C ALA A 43 7.53 -11.57 10.21
N ALA A 44 7.63 -12.41 11.24
CA ALA A 44 6.63 -12.50 12.30
C ALA A 44 7.18 -11.88 13.57
N VAL A 45 6.31 -11.17 14.29
CA VAL A 45 6.70 -10.45 15.51
C VAL A 45 5.81 -10.93 16.64
N GLU A 46 6.40 -11.62 17.61
CA GLU A 46 5.68 -12.15 18.76
C GLU A 46 5.87 -11.23 19.97
N GLY A 47 4.84 -11.17 20.81
CA GLY A 47 4.94 -10.47 22.08
C GLY A 47 5.12 -8.97 21.97
N PHE A 48 4.60 -8.35 20.91
CA PHE A 48 4.68 -6.91 20.76
C PHE A 48 3.51 -6.24 21.47
N ASP A 49 3.82 -5.28 22.34
CA ASP A 49 2.80 -4.49 23.03
C ASP A 49 3.14 -3.03 22.80
N HIS A 50 2.31 -2.35 22.00
CA HIS A 50 2.59 -0.97 21.61
C HIS A 50 2.62 -0.04 22.81
N ALA A 51 1.94 -0.39 23.90
CA ALA A 51 1.89 0.50 25.05
C ALA A 51 3.18 0.46 25.85
N THR A 52 3.90 -0.66 25.82
CA THR A 52 5.07 -0.85 26.66
C THR A 52 6.37 -1.09 25.90
N ALA A 53 6.32 -1.23 24.58
CA ALA A 53 7.54 -1.47 23.81
C ALA A 53 8.55 -0.34 24.01
N SER A 54 9.82 -0.71 24.10
CA SER A 54 10.88 0.27 24.30
C SER A 54 11.18 1.01 23.01
N ASP A 55 11.98 2.07 23.13
CA ASP A 55 12.43 2.80 21.95
C ASP A 55 13.25 1.91 21.04
N ALA A 56 14.09 1.04 21.63
CA ALA A 56 14.88 0.11 20.83
C ALA A 56 13.99 -0.94 20.17
N ASP A 57 12.90 -1.33 20.82
CA ASP A 57 11.94 -2.24 20.20
C ASP A 57 11.39 -1.64 18.90
N ILE A 58 10.91 -0.39 18.98
CA ILE A 58 10.35 0.28 17.81
C ILE A 58 11.41 0.42 16.73
N ASP A 59 12.65 0.76 17.13
CA ASP A 59 13.74 0.86 16.16
C ASP A 59 13.96 -0.46 15.43
N ALA A 60 13.94 -1.57 16.15
CA ALA A 60 14.15 -2.86 15.52
C ALA A 60 12.98 -3.26 14.65
N LEU A 61 11.75 -2.91 15.07
CA LEU A 61 10.58 -3.23 14.27
C LEU A 61 10.61 -2.47 12.95
N LYS A 62 11.00 -1.19 12.98
CA LYS A 62 11.07 -0.41 11.74
C LYS A 62 12.14 -0.93 10.81
N SER A 63 13.30 -1.32 11.35
N SER A 63 13.30 -1.32 11.35
CA SER A 63 14.35 -1.90 10.52
CA SER A 63 14.35 -1.90 10.52
C SER A 63 13.86 -3.17 9.82
C SER A 63 13.84 -3.16 9.82
N THR A 64 13.03 -3.96 10.52
CA THR A 64 12.48 -5.17 9.91
C THR A 64 11.51 -4.82 8.79
N ILE A 65 10.70 -3.78 8.99
CA ILE A 65 9.75 -3.35 7.96
C ILE A 65 10.50 -2.92 6.70
N TYR A 66 11.57 -2.14 6.86
CA TYR A 66 12.29 -1.64 5.69
C TYR A 66 13.07 -2.74 4.98
N THR A 67 13.49 -3.78 5.70
CA THR A 67 14.30 -4.84 5.11
C THR A 67 13.51 -6.08 4.73
N LYS A 68 12.59 -6.53 5.59
CA LYS A 68 11.75 -7.69 5.27
C LYS A 68 10.43 -7.30 4.61
N LYS A 69 10.14 -6.00 4.52
CA LYS A 69 9.04 -5.43 3.75
C LYS A 69 7.67 -5.65 4.38
N ILE A 70 7.42 -6.82 4.98
CA ILE A 70 6.14 -7.09 5.63
C ILE A 70 6.41 -7.67 7.01
N ALA A 71 6.00 -6.95 8.05
CA ALA A 71 6.07 -7.42 9.42
C ALA A 71 4.66 -7.77 9.89
N VAL A 72 4.46 -9.00 10.34
CA VAL A 72 3.18 -9.47 10.83
C VAL A 72 3.24 -9.50 12.35
N LEU A 73 2.54 -8.55 12.99
CA LEU A 73 2.43 -8.55 14.44
C LEU A 73 1.38 -9.59 14.87
N LYS A 74 1.77 -10.49 15.76
CA LYS A 74 0.92 -11.59 16.17
C LYS A 74 0.17 -11.26 17.46
N GLY A 75 -1.00 -11.86 17.61
CA GLY A 75 -1.76 -11.74 18.84
C GLY A 75 -2.15 -10.33 19.24
N GLN A 76 -2.57 -9.51 18.28
CA GLN A 76 -3.02 -8.16 18.57
C GLN A 76 -4.53 -8.16 18.78
N ASP A 77 -4.97 -7.69 19.94
CA ASP A 77 -6.38 -7.63 20.31
C ASP A 77 -6.65 -6.18 20.72
N LEU A 78 -6.95 -5.33 19.75
CA LEU A 78 -6.98 -3.89 19.95
C LEU A 78 -8.34 -3.32 19.59
N SER A 79 -8.73 -2.28 20.33
CA SER A 79 -9.85 -1.44 19.94
C SER A 79 -9.41 -0.54 18.79
N PRO A 80 -10.36 0.12 18.11
CA PRO A 80 -9.95 1.10 17.10
C PRO A 80 -9.02 2.16 17.65
N GLN A 81 -9.26 2.61 18.89
CA GLN A 81 -8.40 3.61 19.51
C GLN A 81 -7.01 3.05 19.79
N GLN A 82 -6.94 1.80 20.22
CA GLN A 82 -5.63 1.19 20.49
C GLN A 82 -4.86 0.93 19.20
N PHE A 83 -5.57 0.57 18.13
CA PHE A 83 -4.93 0.41 16.82
C PHE A 83 -4.26 1.71 16.39
N LEU A 84 -4.96 2.84 16.55
CA LEU A 84 -4.36 4.12 16.21
C LEU A 84 -3.17 4.43 17.12
N ALA A 85 -3.28 4.07 18.41
CA ALA A 85 -2.15 4.25 19.31
C ALA A 85 -0.94 3.46 18.86
N LEU A 86 -1.16 2.22 18.37
CA LEU A 86 -0.06 1.42 17.86
C LEU A 86 0.59 2.10 16.66
N GLY A 87 -0.23 2.57 15.72
CA GLY A 87 0.30 3.28 14.57
C GLY A 87 1.10 4.51 14.96
N LYS A 88 0.69 5.20 16.03
CA LYS A 88 1.40 6.40 16.45
C LYS A 88 2.80 6.08 16.99
N ARG A 89 3.04 4.84 17.43
CA ARG A 89 4.40 4.45 17.83
C ARG A 89 5.34 4.40 16.63
N LEU A 90 4.81 4.18 15.43
CA LEU A 90 5.63 4.03 14.25
C LEU A 90 5.79 5.32 13.45
N GLY A 91 4.79 6.18 13.45
CA GLY A 91 4.90 7.41 12.69
C GLY A 91 3.69 8.30 12.92
N ARG A 92 3.58 9.33 12.07
CA ARG A 92 2.51 10.31 12.17
C ARG A 92 1.35 9.86 11.28
N PRO A 93 0.20 9.50 11.85
CA PRO A 93 -0.91 9.04 11.01
C PRO A 93 -1.50 10.16 10.16
N GLU A 94 -1.96 9.78 8.98
CA GLU A 94 -2.69 10.69 8.09
C GLU A 94 -4.03 10.07 7.75
N ALA A 95 -5.10 10.83 7.91
CA ALA A 95 -6.43 10.37 7.57
C ALA A 95 -6.65 10.43 6.06
N TYR A 96 -7.44 9.49 5.56
CA TYR A 96 -7.72 9.44 4.13
C TYR A 96 -8.47 10.69 3.69
N TYR A 97 -8.11 11.19 2.51
CA TYR A 97 -8.63 12.48 2.05
C TYR A 97 -10.11 12.42 1.67
N GLU A 98 -10.66 11.23 1.42
CA GLU A 98 -12.09 11.10 1.18
C GLU A 98 -12.74 10.56 2.45
N PRO A 99 -13.59 11.33 3.12
CA PRO A 99 -14.01 10.95 4.47
C PRO A 99 -15.03 9.82 4.52
N MET A 100 -15.62 9.41 3.39
CA MET A 100 -16.54 8.28 3.47
C MET A 100 -15.83 6.98 3.83
N TYR A 101 -14.50 6.93 3.67
CA TYR A 101 -13.71 5.78 4.07
C TYR A 101 -13.46 5.71 5.57
N GLN A 102 -13.69 6.80 6.30
CA GLN A 102 -13.16 6.92 7.66
C GLN A 102 -14.05 6.22 8.68
N HIS A 103 -13.40 5.63 9.68
CA HIS A 103 -14.11 5.01 10.80
C HIS A 103 -14.97 6.04 11.52
N PRO A 104 -16.16 5.68 11.97
CA PRO A 104 -17.05 6.67 12.61
C PRO A 104 -16.51 7.25 13.90
N GLU A 105 -15.68 6.51 14.63
CA GLU A 105 -15.09 7.01 15.87
C GLU A 105 -13.70 7.61 15.67
N VAL A 106 -12.89 7.02 14.79
CA VAL A 106 -11.49 7.39 14.62
C VAL A 106 -11.31 7.82 13.18
N THR A 107 -11.21 9.14 12.96
CA THR A 107 -11.10 9.67 11.60
C THR A 107 -9.86 9.13 10.88
N GLU A 108 -8.80 8.81 11.63
CA GLU A 108 -7.54 8.39 11.03
C GLU A 108 -7.58 6.94 10.54
N ILE A 109 -8.64 6.20 10.81
CA ILE A 109 -8.74 4.80 10.41
C ILE A 109 -9.51 4.70 9.11
N PHE A 110 -8.90 4.05 8.13
CA PHE A 110 -9.49 3.77 6.82
C PHE A 110 -10.17 2.40 6.91
N VAL A 111 -11.45 2.34 6.56
CA VAL A 111 -12.25 1.13 6.73
C VAL A 111 -12.62 0.58 5.37
N SER A 112 -12.12 -0.63 5.07
CA SER A 112 -12.56 -1.42 3.92
C SER A 112 -13.50 -2.49 4.45
N SER A 113 -14.78 -2.43 4.06
CA SER A 113 -15.76 -3.33 4.65
C SER A 113 -16.95 -3.51 3.71
N ASN A 114 -17.40 -4.76 3.58
CA ASN A 114 -18.67 -5.08 2.95
C ASN A 114 -19.57 -5.88 3.90
N VAL A 115 -19.44 -5.62 5.20
CA VAL A 115 -20.32 -6.21 6.21
C VAL A 115 -21.10 -5.07 6.87
N PRO A 116 -22.41 -4.98 6.66
CA PRO A 116 -23.17 -3.90 7.28
C PRO A 116 -23.15 -4.00 8.80
N GLU A 117 -23.09 -2.84 9.46
CA GLU A 117 -23.12 -2.75 10.92
C GLU A 117 -24.46 -2.16 11.30
N ASN A 118 -25.35 -3.00 11.84
CA ASN A 118 -26.73 -2.63 12.14
C ASN A 118 -27.42 -2.05 10.90
N GLY A 119 -27.16 -2.69 9.76
CA GLY A 119 -27.77 -2.30 8.50
C GLY A 119 -27.08 -1.18 7.75
N LYS A 120 -26.05 -0.56 8.33
CA LYS A 120 -25.41 0.59 7.71
C LYS A 120 -24.08 0.21 7.08
N GLN A 121 -23.73 0.90 6.00
CA GLN A 121 -22.46 0.71 5.31
C GLN A 121 -21.38 1.51 6.05
N ILE A 122 -20.42 0.78 6.64
CA ILE A 122 -19.27 1.39 7.31
C ILE A 122 -18.09 1.36 6.35
N GLY A 123 -17.43 2.50 6.18
CA GLY A 123 -16.34 2.52 5.23
C GLY A 123 -16.84 2.33 3.81
N VAL A 124 -15.98 1.72 2.99
CA VAL A 124 -16.26 1.51 1.57
C VAL A 124 -16.05 0.04 1.25
N PRO A 125 -16.93 -0.59 0.48
CA PRO A 125 -16.75 -2.01 0.14
C PRO A 125 -15.81 -2.22 -1.03
N LYS A 126 -15.15 -3.38 -1.02
CA LYS A 126 -14.40 -3.89 -2.16
C LYS A 126 -13.32 -2.91 -2.63
N THR A 127 -12.50 -2.46 -1.70
CA THR A 127 -11.44 -1.50 -2.04
C THR A 127 -10.19 -2.24 -2.53
N GLY A 128 -9.36 -1.51 -3.27
CA GLY A 128 -8.05 -2.00 -3.66
C GLY A 128 -8.03 -3.20 -4.57
N LYS A 129 -9.04 -3.35 -5.43
CA LYS A 129 -9.05 -4.47 -6.37
C LYS A 129 -8.21 -4.14 -7.60
N PHE A 130 -6.97 -3.73 -7.39
CA PHE A 130 -6.06 -3.31 -8.44
C PHE A 130 -4.67 -3.11 -7.83
N TRP A 131 -3.65 -3.29 -8.66
CA TRP A 131 -2.27 -3.09 -8.20
C TRP A 131 -2.04 -1.61 -7.90
N HIS A 132 -1.52 -1.33 -6.71
CA HIS A 132 -1.28 0.06 -6.35
C HIS A 132 -0.38 0.12 -5.13
N ALA A 133 0.25 1.28 -4.95
CA ALA A 133 0.86 1.69 -3.70
C ALA A 133 0.01 2.80 -3.11
N ASP A 134 -0.11 2.83 -1.79
CA ASP A 134 -1.04 3.74 -1.14
C ASP A 134 -0.60 5.18 -1.31
N TYR A 135 -1.55 6.06 -1.66
CA TYR A 135 -1.34 7.49 -1.87
C TYR A 135 -0.33 7.77 -2.98
N GLN A 136 -0.13 6.81 -3.89
CA GLN A 136 0.78 7.02 -5.01
C GLN A 136 0.31 8.15 -5.93
N PHE A 137 -0.99 8.42 -5.93
CA PHE A 137 -1.58 9.53 -6.68
C PHE A 137 -1.50 10.86 -5.93
N MET A 138 -0.85 10.89 -4.76
CA MET A 138 -0.77 12.08 -3.95
C MET A 138 0.64 12.64 -3.94
N PRO A 139 0.81 13.96 -3.74
CA PRO A 139 2.16 14.54 -3.81
C PRO A 139 3.09 14.12 -2.67
N ASP A 140 2.57 13.69 -1.53
CA ASP A 140 3.38 13.44 -0.34
C ASP A 140 2.96 12.12 0.31
N PRO A 141 3.29 10.99 -0.33
CA PRO A 141 2.83 9.70 0.20
C PRO A 141 3.56 9.31 1.47
N PHE A 142 2.88 8.57 2.32
CA PHE A 142 3.39 8.07 3.59
C PHE A 142 4.19 6.79 3.37
N GLY A 143 5.13 6.54 4.29
CA GLY A 143 6.07 5.44 4.12
C GLY A 143 5.64 4.09 4.67
N ILE A 144 4.64 4.04 5.55
CA ILE A 144 4.28 2.80 6.24
C ILE A 144 2.78 2.65 6.27
N THR A 145 2.29 1.48 5.89
CA THR A 145 0.88 1.13 5.94
C THR A 145 0.65 0.05 6.98
N LEU A 146 -0.39 0.21 7.79
CA LEU A 146 -0.78 -0.78 8.78
C LEU A 146 -2.19 -1.28 8.46
N ILE A 147 -2.37 -2.59 8.46
CA ILE A 147 -3.66 -3.21 8.19
C ILE A 147 -4.00 -4.14 9.34
N TYR A 148 -5.18 -3.95 9.92
CA TYR A 148 -5.68 -4.74 11.05
C TYR A 148 -6.94 -5.47 10.59
N PRO A 149 -6.82 -6.68 10.05
CA PRO A 149 -8.01 -7.41 9.58
C PRO A 149 -8.99 -7.67 10.71
N GLN A 150 -10.27 -7.37 10.43
CA GLN A 150 -11.35 -7.60 11.39
C GLN A 150 -12.17 -8.84 11.05
N VAL A 151 -12.58 -8.98 9.79
CA VAL A 151 -13.29 -10.15 9.29
C VAL A 151 -12.47 -10.72 8.15
N ILE A 152 -12.02 -11.95 8.32
CA ILE A 152 -11.09 -12.59 7.39
C ILE A 152 -11.81 -13.72 6.67
N PRO A 153 -11.84 -13.74 5.33
CA PRO A 153 -12.42 -14.88 4.62
C PRO A 153 -11.71 -16.16 5.00
N GLU A 154 -12.49 -17.25 5.15
CA GLU A 154 -11.88 -18.52 5.50
C GLU A 154 -11.04 -19.07 4.36
N LYS A 155 -11.59 -19.07 3.15
CA LYS A 155 -10.92 -19.66 2.00
C LYS A 155 -10.11 -18.63 1.21
N ASN A 156 -10.78 -17.59 0.72
CA ASN A 156 -10.16 -16.62 -0.19
C ASN A 156 -9.60 -15.43 0.58
N ARG A 157 -8.69 -15.72 1.50
CA ARG A 157 -8.07 -14.70 2.33
C ARG A 157 -6.69 -14.33 1.78
N GLY A 158 -6.22 -13.18 2.20
CA GLY A 158 -4.87 -12.74 1.89
C GLY A 158 -4.85 -11.53 0.97
N THR A 159 -3.66 -10.96 0.84
CA THR A 159 -3.39 -9.82 -0.04
C THR A 159 -2.15 -10.13 -0.85
N TYR A 160 -2.19 -9.82 -2.15
CA TYR A 160 -1.04 -10.00 -3.01
C TYR A 160 -0.10 -8.81 -2.89
N PHE A 161 1.19 -9.07 -3.03
CA PHE A 161 2.22 -8.04 -2.95
C PHE A 161 3.26 -8.26 -4.02
N ILE A 162 3.90 -7.17 -4.45
CA ILE A 162 5.09 -7.22 -5.30
C ILE A 162 6.10 -6.23 -4.74
N ASP A 163 7.32 -6.73 -4.50
CA ASP A 163 8.43 -5.86 -4.11
C ASP A 163 8.98 -5.21 -5.37
N MET A 164 8.71 -3.91 -5.54
CA MET A 164 9.10 -3.22 -6.76
C MET A 164 10.58 -2.86 -6.79
N GLY A 165 11.30 -3.04 -5.70
CA GLY A 165 12.75 -2.91 -5.72
C GLY A 165 13.38 -4.19 -6.24
N ARG A 166 12.92 -5.32 -5.70
CA ARG A 166 13.31 -6.62 -6.26
C ARG A 166 12.85 -6.74 -7.70
N ALA A 167 11.66 -6.23 -8.02
CA ALA A 167 11.17 -6.29 -9.39
C ALA A 167 12.05 -5.46 -10.32
N TYR A 168 12.49 -4.28 -9.86
CA TYR A 168 13.41 -3.49 -10.69
C TYR A 168 14.72 -4.24 -10.92
N ASP A 169 15.25 -4.85 -9.86
N ASP A 169 15.25 -4.85 -9.86
CA ASP A 169 16.53 -5.57 -9.99
CA ASP A 169 16.52 -5.57 -9.96
C ASP A 169 16.44 -6.70 -11.00
C ASP A 169 16.44 -6.71 -10.98
N ARG A 170 15.27 -7.32 -11.12
CA ARG A 170 15.08 -8.46 -12.02
C ARG A 170 14.74 -8.06 -13.45
N LEU A 171 14.54 -6.78 -13.72
CA LEU A 171 14.25 -6.37 -15.09
C LEU A 171 15.46 -6.64 -15.99
N PRO A 172 15.23 -6.85 -17.30
CA PRO A 172 16.36 -6.90 -18.22
C PRO A 172 17.13 -5.58 -18.21
N GLU A 173 18.44 -5.69 -18.42
CA GLU A 173 19.32 -4.52 -18.30
C GLU A 173 18.88 -3.40 -19.25
N ASP A 174 18.47 -3.76 -20.46
CA ASP A 174 18.04 -2.74 -21.43
C ASP A 174 16.78 -2.03 -20.97
N LEU A 175 15.87 -2.75 -20.30
CA LEU A 175 14.66 -2.12 -19.78
C LEU A 175 14.99 -1.14 -18.66
N LYS A 176 15.94 -1.50 -17.79
CA LYS A 176 16.45 -0.53 -16.83
C LYS A 176 16.99 0.71 -17.53
N LYS A 177 17.74 0.50 -18.63
CA LYS A 177 18.27 1.63 -19.40
C LYS A 177 17.15 2.48 -19.96
N GLU A 178 16.08 1.85 -20.44
CA GLU A 178 15.02 2.60 -21.12
C GLU A 178 14.29 3.55 -20.17
N ILE A 179 14.08 3.12 -18.91
CA ILE A 179 13.38 3.96 -17.95
C ILE A 179 14.30 4.90 -17.20
N SER A 180 15.61 4.79 -17.40
CA SER A 180 16.56 5.65 -16.69
C SER A 180 16.34 7.11 -17.09
N GLY A 181 16.09 7.96 -16.10
CA GLY A 181 15.86 9.37 -16.33
C GLY A 181 14.45 9.73 -16.74
N THR A 182 13.52 8.77 -16.77
CA THR A 182 12.14 9.07 -17.12
C THR A 182 11.33 9.47 -15.89
N TYR A 183 10.11 9.95 -16.12
CA TYR A 183 9.18 10.31 -15.07
C TYR A 183 7.82 9.70 -15.39
N CYS A 184 7.07 9.37 -14.34
CA CYS A 184 5.73 8.82 -14.48
C CYS A 184 4.72 9.74 -13.82
N ARG A 185 3.50 9.73 -14.36
CA ARG A 185 2.37 10.47 -13.82
C ARG A 185 1.40 9.50 -13.17
N HIS A 186 0.99 9.81 -11.94
CA HIS A 186 0.09 8.96 -11.17
C HIS A 186 -1.20 9.72 -10.89
N SER A 187 -2.33 9.03 -11.07
CA SER A 187 -3.62 9.66 -10.88
C SER A 187 -4.62 8.64 -10.35
N VAL A 188 -5.57 9.11 -9.55
CA VAL A 188 -6.64 8.28 -9.01
C VAL A 188 -7.85 8.26 -9.94
N ARG A 189 -7.73 8.84 -11.14
CA ARG A 189 -8.89 9.08 -11.99
C ARG A 189 -9.59 7.80 -12.44
N LYS A 190 -8.90 6.66 -12.41
CA LYS A 190 -9.56 5.42 -12.83
C LYS A 190 -10.34 4.78 -11.70
N TYR A 191 -9.81 4.84 -10.47
CA TYR A 191 -10.40 4.07 -9.38
C TYR A 191 -11.02 4.94 -8.30
N PHE A 192 -11.21 6.24 -8.55
CA PHE A 192 -12.02 7.07 -7.67
C PHE A 192 -13.42 6.45 -7.53
N LYS A 193 -13.86 6.25 -6.29
CA LYS A 193 -15.11 5.57 -6.02
C LYS A 193 -16.23 6.60 -5.85
N ILE A 194 -17.36 6.36 -6.51
CA ILE A 194 -18.49 7.28 -6.43
C ILE A 194 -18.98 7.36 -4.99
N ARG A 195 -19.34 8.56 -4.55
CA ARG A 195 -19.78 8.83 -3.21
C ARG A 195 -21.28 9.06 -3.15
N PRO A 196 -21.92 8.85 -1.99
CA PRO A 196 -23.38 9.00 -1.90
C PRO A 196 -23.90 10.35 -2.37
N HIS A 197 -23.15 11.43 -2.16
CA HIS A 197 -23.62 12.74 -2.59
C HIS A 197 -23.34 13.00 -4.07
N ASP A 198 -22.71 12.06 -4.78
CA ASP A 198 -22.49 12.22 -6.21
C ASP A 198 -23.70 11.83 -7.05
N VAL A 199 -24.73 11.24 -6.46
CA VAL A 199 -25.88 10.77 -7.23
C VAL A 199 -26.60 11.96 -7.85
N TYR A 200 -27.00 11.79 -9.12
CA TYR A 200 -27.71 12.75 -9.97
C TYR A 200 -26.77 13.81 -10.54
N ARG A 201 -25.47 13.79 -10.20
CA ARG A 201 -24.53 14.70 -10.83
C ARG A 201 -24.13 14.18 -12.22
N PRO A 202 -23.86 15.08 -13.16
CA PRO A 202 -23.27 14.65 -14.43
C PRO A 202 -21.86 14.15 -14.22
N ILE A 203 -21.51 13.07 -14.93
CA ILE A 203 -20.24 12.41 -14.68
C ILE A 203 -19.06 13.28 -15.11
N SER A 204 -19.25 14.12 -16.14
CA SER A 204 -18.19 15.04 -16.54
C SER A 204 -17.79 15.97 -15.40
N GLU A 205 -18.77 16.36 -14.58
CA GLU A 205 -18.51 17.29 -13.48
C GLU A 205 -17.77 16.60 -12.33
N ILE A 206 -17.99 15.31 -12.13
CA ILE A 206 -17.18 14.56 -11.16
C ILE A 206 -15.77 14.34 -11.69
N ILE A 207 -15.65 14.03 -12.99
CA ILE A 207 -14.34 13.84 -13.60
C ILE A 207 -13.48 15.09 -13.45
N GLU A 208 -14.07 16.27 -13.69
CA GLU A 208 -13.31 17.51 -13.56
C GLU A 208 -12.96 17.79 -12.10
N GLU A 209 -13.88 17.50 -11.18
CA GLU A 209 -13.62 17.73 -9.76
C GLU A 209 -12.44 16.89 -9.28
N VAL A 210 -12.33 15.65 -9.78
CA VAL A 210 -11.22 14.79 -9.38
C VAL A 210 -9.90 15.35 -9.88
N GLU A 211 -9.88 15.88 -11.10
CA GLU A 211 -8.65 16.49 -11.62
C GLU A 211 -8.27 17.74 -10.85
N ARG A 212 -9.26 18.49 -10.34
CA ARG A 212 -8.95 19.65 -9.51
C ARG A 212 -8.51 19.23 -8.12
N LYS A 213 -9.26 18.31 -7.51
CA LYS A 213 -8.99 17.91 -6.13
C LYS A 213 -7.68 17.14 -6.01
N THR A 214 -7.44 16.20 -6.91
CA THR A 214 -6.25 15.35 -6.89
C THR A 214 -5.66 15.31 -8.29
N PRO A 215 -4.96 16.38 -8.70
CA PRO A 215 -4.32 16.37 -10.01
C PRO A 215 -3.25 15.30 -10.09
N ALA A 216 -2.95 14.89 -11.32
CA ALA A 216 -1.94 13.86 -11.55
C ALA A 216 -0.59 14.30 -10.99
N VAL A 217 0.12 13.35 -10.37
CA VAL A 217 1.37 13.63 -9.69
C VAL A 217 2.52 13.11 -10.53
N VAL A 218 3.53 13.96 -10.74
CA VAL A 218 4.73 13.55 -11.45
C VAL A 218 5.78 13.12 -10.43
N GLN A 219 6.36 11.96 -10.66
CA GLN A 219 7.42 11.40 -9.83
C GLN A 219 8.49 10.81 -10.74
N PRO A 220 9.72 10.71 -10.26
CA PRO A 220 10.73 9.92 -10.98
C PRO A 220 10.25 8.48 -11.10
N THR A 221 10.46 7.90 -12.27
CA THR A 221 10.07 6.50 -12.49
C THR A 221 10.71 5.58 -11.45
N THR A 222 12.00 5.80 -11.15
CA THR A 222 12.68 5.13 -10.07
C THR A 222 13.22 6.16 -9.08
N PHE A 223 13.25 5.78 -7.81
CA PHE A 223 13.86 6.62 -6.78
C PHE A 223 14.66 5.74 -5.83
N THR A 224 15.50 6.39 -5.03
CA THR A 224 16.35 5.69 -4.07
C THR A 224 15.62 5.60 -2.73
N HIS A 225 15.50 4.39 -2.22
CA HIS A 225 14.86 4.16 -0.93
C HIS A 225 15.65 4.86 0.17
N PRO A 226 15.06 5.80 0.90
CA PRO A 226 15.84 6.54 1.91
C PRO A 226 16.35 5.68 3.04
N MET A 227 15.69 4.54 3.33
CA MET A 227 16.09 3.70 4.45
C MET A 227 17.06 2.60 4.07
N THR A 228 16.92 2.03 2.87
CA THR A 228 17.75 0.91 2.45
C THR A 228 18.71 1.23 1.32
N GLY A 229 18.48 2.31 0.57
CA GLY A 229 19.29 2.61 -0.59
C GLY A 229 18.91 1.89 -1.87
N GLU A 230 17.92 0.99 -1.83
CA GLU A 230 17.51 0.27 -3.03
C GLU A 230 16.93 1.22 -4.06
N THR A 231 17.04 0.82 -5.33
CA THR A 231 16.31 1.48 -6.41
C THR A 231 14.92 0.88 -6.50
N VAL A 232 13.90 1.71 -6.38
CA VAL A 232 12.51 1.28 -6.41
C VAL A 232 11.89 1.69 -7.74
N LEU A 233 11.24 0.76 -8.42
CA LEU A 233 10.44 1.07 -9.60
C LEU A 233 9.06 1.49 -9.11
N TYR A 234 8.80 2.80 -9.09
CA TYR A 234 7.61 3.35 -8.44
C TYR A 234 6.49 3.54 -9.48
N ILE A 235 5.92 2.41 -9.90
CA ILE A 235 4.79 2.39 -10.81
C ILE A 235 3.77 1.36 -10.32
N SER A 236 2.53 1.54 -10.77
CA SER A 236 1.49 0.56 -10.48
C SER A 236 0.44 0.61 -11.59
N GLU A 237 -0.12 -0.56 -11.91
CA GLU A 237 -1.13 -0.63 -12.95
C GLU A 237 -2.35 0.22 -12.62
N GLY A 238 -2.69 0.32 -11.34
CA GLY A 238 -3.88 1.04 -10.92
C GLY A 238 -3.78 2.55 -10.98
N PHE A 239 -2.62 3.11 -10.65
CA PHE A 239 -2.48 4.56 -10.52
C PHE A 239 -1.59 5.21 -11.58
N THR A 240 -0.61 4.49 -12.12
CA THR A 240 0.34 5.10 -13.05
C THR A 240 -0.29 5.20 -14.43
N VAL A 241 -0.58 6.42 -14.87
CA VAL A 241 -1.33 6.65 -16.11
C VAL A 241 -0.45 7.09 -17.27
N GLY A 242 0.82 7.42 -17.04
CA GLY A 242 1.66 7.87 -18.13
C GLY A 242 3.11 7.91 -17.72
N ILE A 243 3.98 7.93 -18.74
CA ILE A 243 5.41 8.03 -18.54
C ILE A 243 5.95 9.04 -19.57
N GLU A 244 6.92 9.84 -19.16
CA GLU A 244 7.48 10.88 -20.01
C GLU A 244 8.99 10.88 -19.87
N ASP A 245 9.66 11.52 -20.83
CA ASP A 245 11.10 11.46 -20.94
C ASP A 245 11.77 12.46 -19.99
N GLN A 246 13.11 12.51 -20.06
CA GLN A 246 13.88 13.39 -19.19
C GLN A 246 13.55 14.85 -19.41
N ASP A 247 12.86 15.20 -20.49
CA ASP A 247 12.46 16.57 -20.76
C ASP A 247 10.98 16.81 -20.52
N GLY A 248 10.26 15.81 -19.99
CA GLY A 248 8.84 15.96 -19.74
C GLY A 248 7.93 15.76 -20.93
N LYS A 249 8.45 15.19 -22.03
CA LYS A 249 7.61 14.90 -23.19
C LYS A 249 7.02 13.50 -23.06
N PRO A 250 5.70 13.35 -23.22
CA PRO A 250 5.08 12.03 -23.00
C PRO A 250 5.67 10.97 -23.92
N LEU A 251 5.91 9.80 -23.34
CA LEU A 251 6.32 8.61 -24.08
C LEU A 251 5.12 7.71 -24.30
N ASP A 252 5.24 6.83 -25.30
CA ASP A 252 4.13 5.93 -25.61
C ASP A 252 3.86 4.99 -24.44
N GLU A 253 2.58 4.76 -24.17
CA GLU A 253 2.17 3.93 -23.04
C GLU A 253 2.57 2.46 -23.20
N GLU A 254 3.03 2.05 -24.38
CA GLU A 254 3.53 0.69 -24.53
C GLU A 254 4.68 0.41 -23.58
N LEU A 255 5.48 1.43 -23.26
CA LEU A 255 6.56 1.25 -22.30
C LEU A 255 6.00 0.87 -20.93
N LEU A 256 4.95 1.56 -20.48
CA LEU A 256 4.34 1.21 -19.20
C LEU A 256 3.76 -0.20 -19.23
N LYS A 257 3.15 -0.58 -20.36
CA LYS A 257 2.60 -1.93 -20.47
C LYS A 257 3.70 -2.98 -20.39
N ARG A 258 4.84 -2.72 -21.03
CA ARG A 258 5.96 -3.66 -20.94
C ARG A 258 6.53 -3.71 -19.54
N LEU A 259 6.52 -2.59 -18.81
CA LEU A 259 6.96 -2.59 -17.43
C LEU A 259 5.99 -3.34 -16.53
N PHE A 260 4.69 -3.09 -16.70
CA PHE A 260 3.69 -3.86 -15.97
C PHE A 260 3.83 -5.34 -16.26
N ASP A 261 4.06 -5.70 -17.52
CA ASP A 261 4.17 -7.10 -17.89
C ASP A 261 5.41 -7.74 -17.25
N ALA A 262 6.53 -7.03 -17.26
CA ALA A 262 7.77 -7.60 -16.76
C ALA A 262 7.76 -7.78 -15.25
N THR A 263 7.06 -6.90 -14.52
CA THR A 263 7.04 -6.98 -13.06
C THR A 263 5.94 -7.88 -12.54
N GLY A 264 5.11 -8.45 -13.41
CA GLY A 264 4.07 -9.37 -12.99
C GLY A 264 2.71 -8.77 -12.73
N GLN A 265 2.50 -7.51 -13.10
CA GLN A 265 1.26 -6.81 -12.78
C GLN A 265 0.13 -7.11 -13.76
N LEU A 266 0.41 -7.77 -14.88
CA LEU A 266 -0.63 -8.14 -15.84
C LEU A 266 -0.99 -9.61 -15.77
N ASP A 267 -0.40 -10.37 -14.85
CA ASP A 267 -0.66 -11.80 -14.71
C ASP A 267 -1.93 -11.98 -13.88
N GLU A 268 -3.06 -12.20 -14.56
CA GLU A 268 -4.32 -12.40 -13.86
C GLU A 268 -4.40 -13.75 -13.16
N SER A 269 -3.43 -14.63 -13.37
CA SER A 269 -3.35 -15.88 -12.63
C SER A 269 -2.60 -15.74 -11.32
N PHE A 270 -1.87 -14.65 -11.13
CA PHE A 270 -1.12 -14.38 -9.89
C PHE A 270 -0.07 -15.44 -9.61
N GLU A 271 0.42 -16.11 -10.65
CA GLU A 271 1.47 -17.11 -10.50
C GLU A 271 2.86 -16.57 -10.80
N HIS A 272 2.96 -15.32 -11.26
CA HIS A 272 4.26 -14.71 -11.59
C HIS A 272 5.22 -14.82 -10.41
N ASP A 273 6.50 -14.97 -10.73
CA ASP A 273 7.51 -15.18 -9.69
C ASP A 273 7.64 -13.99 -8.75
N ASN A 274 7.30 -12.79 -9.22
CA ASN A 274 7.41 -11.61 -8.37
C ASN A 274 6.31 -11.52 -7.32
N ILE A 275 5.22 -12.29 -7.48
CA ILE A 275 4.01 -12.09 -6.71
C ILE A 275 4.08 -12.90 -5.41
N HIS A 276 3.78 -12.24 -4.30
CA HIS A 276 3.74 -12.86 -2.99
C HIS A 276 2.32 -12.76 -2.44
N LEU A 277 1.74 -13.88 -2.04
CA LEU A 277 0.43 -13.90 -1.41
C LEU A 277 0.63 -13.92 0.10
N GLN A 278 0.22 -12.85 0.76
CA GLN A 278 0.36 -12.72 2.21
C GLN A 278 -0.97 -13.09 2.86
N SER A 279 -0.99 -14.21 3.55
CA SER A 279 -2.17 -14.61 4.32
C SER A 279 -2.05 -14.11 5.77
N PHE A 280 -3.15 -14.24 6.50
CA PHE A 280 -3.15 -13.83 7.90
C PHE A 280 -4.27 -14.57 8.62
N GLU A 281 -4.15 -14.64 9.94
CA GLU A 281 -5.16 -15.22 10.81
C GLU A 281 -5.63 -14.16 11.79
N GLN A 282 -6.67 -14.51 12.57
CA GLN A 282 -7.22 -13.55 13.52
C GLN A 282 -6.16 -13.16 14.55
N GLY A 283 -6.09 -11.87 14.84
CA GLY A 283 -5.06 -11.32 15.70
C GLY A 283 -3.84 -10.79 14.97
N ASP A 284 -3.68 -11.13 13.70
CA ASP A 284 -2.55 -10.62 12.91
C ASP A 284 -2.76 -9.14 12.59
N LEU A 285 -1.65 -8.41 12.52
CA LEU A 285 -1.65 -7.00 12.15
C LEU A 285 -0.49 -6.79 11.18
N LEU A 286 -0.81 -6.45 9.93
CA LEU A 286 0.18 -6.31 8.88
C LEU A 286 0.72 -4.88 8.86
N VAL A 287 2.04 -4.75 8.87
CA VAL A 287 2.73 -3.47 8.73
C VAL A 287 3.76 -3.62 7.63
N TRP A 288 3.68 -2.80 6.59
CA TRP A 288 4.55 -3.03 5.44
C TRP A 288 5.09 -1.72 4.88
N ASP A 289 6.14 -1.87 4.09
CA ASP A 289 6.89 -0.78 3.47
C ASP A 289 6.09 -0.24 2.29
N ASN A 290 5.50 0.95 2.44
CA ASN A 290 4.71 1.56 1.38
C ASN A 290 5.56 2.26 0.34
N ARG A 291 6.89 2.26 0.48
CA ARG A 291 7.76 2.72 -0.60
C ARG A 291 8.02 1.59 -1.60
N SER A 292 8.40 0.41 -1.11
CA SER A 292 8.89 -0.66 -1.95
C SER A 292 7.77 -1.50 -2.56
N LEU A 293 6.65 -1.65 -1.86
CA LEU A 293 5.65 -2.63 -2.21
C LEU A 293 4.46 -2.01 -2.93
N ILE A 294 3.93 -2.74 -3.90
CA ILE A 294 2.58 -2.54 -4.40
C ILE A 294 1.78 -3.76 -3.94
N HIS A 295 0.45 -3.61 -3.95
CA HIS A 295 -0.40 -4.69 -3.48
C HIS A 295 -1.75 -4.63 -4.19
N ARG A 296 -2.54 -5.69 -4.00
CA ARG A 296 -3.81 -5.84 -4.68
C ARG A 296 -4.64 -6.88 -3.94
N ALA A 297 -5.95 -6.63 -3.86
CA ALA A 297 -6.86 -7.60 -3.30
C ALA A 297 -7.00 -8.79 -4.25
N ARG A 298 -7.40 -9.93 -3.69
CA ARG A 298 -7.59 -11.12 -4.50
C ARG A 298 -8.83 -10.97 -5.37
N HIS A 299 -8.91 -11.82 -6.39
CA HIS A 299 -10.14 -11.92 -7.17
C HIS A 299 -11.28 -12.35 -6.25
N THR A 300 -12.49 -11.84 -6.55
CA THR A 300 -13.68 -12.23 -5.80
C THR A 300 -14.20 -13.56 -6.35
N THR A 301 -13.42 -14.61 -6.09
CA THR A 301 -13.81 -15.95 -6.52
C THR A 301 -14.79 -16.62 -5.56
N THR A 302 -14.91 -16.10 -4.35
CA THR A 302 -15.88 -16.55 -3.36
C THR A 302 -16.66 -15.33 -2.88
N PRO A 303 -17.84 -15.55 -2.27
CA PRO A 303 -18.58 -14.43 -1.67
C PRO A 303 -18.21 -14.10 -0.24
N GLU A 304 -17.07 -14.58 0.26
CA GLU A 304 -16.70 -14.33 1.65
C GLU A 304 -16.39 -12.85 1.85
N PRO A 305 -16.83 -12.25 2.95
CA PRO A 305 -16.67 -10.82 3.14
C PRO A 305 -15.31 -10.45 3.72
N THR A 306 -14.98 -9.16 3.59
CA THR A 306 -13.74 -8.61 4.08
C THR A 306 -14.03 -7.35 4.88
N VAL A 307 -13.49 -7.27 6.09
CA VAL A 307 -13.49 -6.04 6.88
C VAL A 307 -12.07 -5.82 7.38
N SER A 308 -11.50 -4.67 7.07
CA SER A 308 -10.12 -4.36 7.44
C SER A 308 -10.01 -2.90 7.87
N TYR A 309 -9.24 -2.67 8.92
CA TYR A 309 -8.93 -1.33 9.40
C TYR A 309 -7.51 -0.97 8.95
N ARG A 310 -7.34 0.27 8.48
CA ARG A 310 -6.06 0.72 7.96
C ARG A 310 -5.63 2.01 8.63
N VAL A 311 -4.35 2.06 9.02
CA VAL A 311 -3.71 3.28 9.49
C VAL A 311 -2.45 3.48 8.67
N THR A 312 -2.23 4.70 8.20
CA THR A 312 -1.12 5.03 7.32
C THR A 312 -0.33 6.17 7.94
N VAL A 313 0.97 5.96 8.16
CA VAL A 313 1.79 6.86 8.96
C VAL A 313 3.00 7.32 8.16
N HIS A 314 3.38 8.58 8.37
CA HIS A 314 4.63 9.10 7.84
C HIS A 314 5.75 8.80 8.84
N ASP A 315 6.88 8.31 8.34
CA ASP A 315 8.03 8.09 9.21
C ASP A 315 8.95 9.31 9.12
N GLU A 316 10.22 9.15 9.48
CA GLU A 316 11.11 10.30 9.63
C GLU A 316 11.69 10.79 8.31
N ARG A 317 11.44 10.12 7.19
CA ARG A 317 11.88 10.58 5.89
C ARG A 317 10.69 10.69 4.95
N LYS A 318 10.77 11.61 3.99
CA LYS A 318 9.79 11.64 2.92
C LYS A 318 9.91 10.35 2.10
N LEU A 319 8.92 10.13 1.23
CA LEU A 319 8.91 8.92 0.42
C LEU A 319 10.23 8.77 -0.33
N HIS A 320 10.72 9.85 -0.92
CA HIS A 320 12.05 9.89 -1.51
C HIS A 320 12.58 11.30 -1.39
N ASP A 321 13.87 11.46 -1.72
CA ASP A 321 14.56 12.73 -1.47
C ASP A 321 13.96 13.87 -2.27
N GLY A 322 13.33 13.58 -3.40
CA GLY A 322 12.81 14.62 -4.26
C GLY A 322 11.46 15.18 -3.89
N ILE A 323 10.83 14.67 -2.84
CA ILE A 323 9.50 15.11 -2.46
C ILE A 323 9.56 16.54 -1.93
OAC 7UC B . -11.29 2.57 -2.87
CAJ 7UC B . -10.02 2.25 -2.88
OAE 7UC B . -9.61 1.20 -3.34
CAG 7UC B . -9.12 3.28 -2.29
CAK 7UC B . -7.93 3.62 -3.17
CAA 7UC B . -8.41 4.27 -4.45
N 7UC B . -6.96 4.47 -2.43
CA 7UC B . -6.18 3.75 -1.40
C 7UC B . -4.95 4.55 -1.11
OXT 7UC B . -4.54 4.81 0.00
O 7UC B . -4.33 4.93 -2.20
O1 VVO C . -4.09 -0.46 1.71
V1 VVO C . -4.40 -0.05 -0.33
C ACT D . 18.01 -0.63 8.03
O ACT D . 18.32 -1.72 8.58
OXT ACT D . 17.30 0.31 8.48
CH3 ACT D . 18.56 -0.40 6.59
CL CL E . -7.08 -14.70 -6.54
CL CL F . -2.50 13.27 -16.59
#